data_1JSH
#
_entry.id   1JSH
#
_cell.length_a   108.564
_cell.length_b   108.564
_cell.length_c   149.072
_cell.angle_alpha   90.00
_cell.angle_beta   90.00
_cell.angle_gamma   120.00
#
_symmetry.space_group_name_H-M   'P 63'
#
loop_
_entity.id
_entity.type
_entity.pdbx_description
1 polymer 'HAEMAGGLUTININ (HA1 CHAIN)'
2 polymer 'HAEMAGGLUTININ (HA2 CHAIN)'
3 branched 2-acetamido-2-deoxy-beta-D-glucopyranose-(1-4)-2-acetamido-2-deoxy-beta-D-glucopyranose
4 branched 2-acetamido-2-deoxy-beta-D-glucopyranose-(1-4)-[2-acetamido-2-deoxy-beta-D-glucopyranose-(1-6)]2-acetamido-2-deoxy-beta-D-glucopyranose
5 branched 'N-acetyl-alpha-neuraminic acid-(2-3)-beta-D-galactopyranose'
6 non-polymer 2-acetamido-2-deoxy-beta-D-glucopyranose
7 water water
#
loop_
_entity_poly.entity_id
_entity_poly.type
_entity_poly.pdbx_seq_one_letter_code
_entity_poly.pdbx_strand_id
1 'polypeptide(L)'
;DKICIGYQSTNSTETVDTLTETNVPVTHAKELLHTSHNGMLCATNLGHPLILDTCTIEGLIYGNPSCDLLLGGREWSYIV
ERPSAVNGMCYPGNVENLEELRSLFSSASSYQRIQIFPDTIWNVSYSGTSSACSDSFYRSMRWLTQKNNAYPIQDAQYTN
NRGKSILFMWGINHPPTDTVQTNLYTRTDTTTSVTTEDINRTFKPVIGPRPLVNGLHGRIDYYWSVLKPGQTLRVRSNGN
LIAPWYGHILSGESHGRILKTDLNSGNCVVQCQTERGGLNTTLPFHNVSKYAFGNCPKYVGVKSLKLAVGLRNVPARSS
;
A
2 'polypeptide(L)'
;GLFGAIAGFIEGGWPGLVAGWYGFQHSNDQGVGMAADSDSTQKAIDKITSKVNNIVDKMNKQYGIIDHEFSEIETRLNMI
NNKIDDQIQDIWTYNAELLVLLENQKTLDEHDANVNNLYNKVKRALGSNAMEDGKGCFELYHKCDDQCMETIRNGTYNRR
KYKEESKLERQKIEGI
;
B
#
# COMPACT_ATOMS: atom_id res chain seq x y z
N ASP A 1 33.93 53.83 3.81
CA ASP A 1 33.06 53.08 2.86
C ASP A 1 33.44 51.60 2.86
N LYS A 2 32.43 50.73 2.92
CA LYS A 2 32.68 49.31 2.90
C LYS A 2 31.57 48.53 2.22
N ILE A 3 31.90 47.32 1.79
CA ILE A 3 30.92 46.45 1.14
C ILE A 3 31.08 45.10 1.87
N CYS A 4 29.94 44.51 2.27
CA CYS A 4 29.98 43.25 3.00
C CYS A 4 29.17 42.15 2.36
N ILE A 5 29.66 40.91 2.49
CA ILE A 5 28.95 39.76 1.97
C ILE A 5 28.24 39.15 3.16
N GLY A 6 27.00 38.74 2.95
CA GLY A 6 26.25 38.15 4.03
C GLY A 6 25.23 37.14 3.53
N TYR A 7 24.42 36.62 4.44
CA TYR A 7 23.43 35.62 4.09
C TYR A 7 22.16 35.82 4.88
N GLN A 8 21.06 35.32 4.33
CA GLN A 8 19.74 35.45 4.91
C GLN A 8 19.49 34.73 6.24
N SER A 9 18.67 35.39 7.05
CA SER A 9 18.24 34.90 8.36
C SER A 9 16.73 35.15 8.40
N THR A 10 15.96 34.19 8.91
CA THR A 10 14.52 34.39 9.00
C THR A 10 13.97 33.96 10.35
N ASN A 11 12.65 34.09 10.50
CA ASN A 11 11.99 33.70 11.74
C ASN A 11 11.48 32.27 11.68
N SER A 12 11.94 31.54 10.67
CA SER A 12 11.57 30.15 10.51
C SER A 12 11.94 29.36 11.76
N THR A 13 11.07 28.43 12.16
CA THR A 13 11.35 27.60 13.31
C THR A 13 11.68 26.18 12.84
N GLU A 14 11.80 26.02 11.53
CA GLU A 14 12.13 24.74 10.91
C GLU A 14 13.52 24.26 11.30
N THR A 15 13.65 22.96 11.53
CA THR A 15 14.94 22.38 11.85
C THR A 15 15.06 21.07 11.10
N VAL A 16 16.30 20.65 10.85
CA VAL A 16 16.54 19.38 10.18
C VAL A 16 17.69 18.71 10.92
N ASP A 17 17.90 17.42 10.68
CA ASP A 17 18.99 16.70 11.31
C ASP A 17 20.03 16.25 10.29
N THR A 18 21.25 16.06 10.77
CA THR A 18 22.32 15.55 9.93
C THR A 18 22.94 14.47 10.81
N LEU A 19 23.96 13.80 10.30
CA LEU A 19 24.61 12.75 11.05
C LEU A 19 25.51 13.33 12.16
N THR A 20 26.07 14.51 11.91
CA THR A 20 26.96 15.14 12.90
C THR A 20 26.27 16.21 13.74
N GLU A 21 24.96 16.32 13.64
CA GLU A 21 24.23 17.34 14.38
C GLU A 21 22.74 17.18 14.22
N THR A 22 21.98 17.53 15.25
CA THR A 22 20.53 17.40 15.18
C THR A 22 19.82 18.72 15.54
N ASN A 23 18.62 18.90 15.01
CA ASN A 23 17.83 20.10 15.24
C ASN A 23 18.54 21.36 14.75
N VAL A 24 19.18 21.27 13.59
CA VAL A 24 19.87 22.42 13.01
C VAL A 24 18.80 23.38 12.49
N PRO A 25 18.86 24.64 12.90
CA PRO A 25 17.86 25.62 12.45
C PRO A 25 18.09 25.93 10.97
N VAL A 26 17.02 25.92 10.18
CA VAL A 26 17.16 26.24 8.77
C VAL A 26 16.13 27.27 8.33
N THR A 27 16.48 28.06 7.31
CA THR A 27 15.59 29.09 6.80
C THR A 27 14.44 28.46 6.04
N HIS A 28 14.70 27.35 5.35
CA HIS A 28 13.67 26.67 4.58
C HIS A 28 13.89 25.16 4.55
N ALA A 29 12.80 24.41 4.71
CA ALA A 29 12.85 22.96 4.70
C ALA A 29 11.58 22.39 4.08
N LYS A 30 11.65 21.16 3.60
CA LYS A 30 10.50 20.51 3.01
C LYS A 30 10.24 19.17 3.69
N GLU A 31 9.04 18.98 4.21
CA GLU A 31 8.68 17.72 4.86
C GLU A 31 8.38 16.72 3.76
N LEU A 32 9.10 15.60 3.73
CA LEU A 32 8.89 14.60 2.69
C LEU A 32 7.96 13.45 3.10
N LEU A 33 7.59 13.41 4.36
CA LEU A 33 6.71 12.36 4.85
C LEU A 33 5.25 12.79 4.98
N HIS A 34 4.37 12.12 4.23
CA HIS A 34 2.94 12.41 4.30
C HIS A 34 2.40 11.58 5.47
N THR A 35 1.70 12.21 6.40
CA THR A 35 1.20 11.47 7.56
C THR A 35 -0.32 11.48 7.78
N SER A 36 -1.06 12.01 6.81
CA SER A 36 -2.51 12.07 6.95
C SER A 36 -3.29 11.09 6.08
N HIS A 37 -4.47 10.71 6.57
CA HIS A 37 -5.37 9.81 5.84
C HIS A 37 -6.80 10.24 6.19
N ASN A 38 -7.76 9.91 5.35
CA ASN A 38 -9.16 10.31 5.58
C ASN A 38 -9.96 9.40 6.51
N GLY A 39 -9.32 8.40 7.10
CA GLY A 39 -10.03 7.51 8.00
C GLY A 39 -11.19 6.72 7.39
N MET A 40 -11.23 6.60 6.07
CA MET A 40 -12.30 5.88 5.41
C MET A 40 -11.82 4.86 4.39
N LEU A 41 -12.72 3.96 4.02
CA LEU A 41 -12.45 2.96 3.00
C LEU A 41 -13.08 3.58 1.77
N CYS A 42 -12.29 3.81 0.73
CA CYS A 42 -12.80 4.42 -0.49
C CYS A 42 -12.52 3.58 -1.72
N ALA A 43 -12.84 4.16 -2.86
CA ALA A 43 -12.59 3.52 -4.13
C ALA A 43 -11.18 3.96 -4.52
N THR A 44 -10.52 3.15 -5.33
CA THR A 44 -9.18 3.51 -5.79
C THR A 44 -9.34 3.66 -7.28
N ASN A 45 -8.21 3.78 -7.97
CA ASN A 45 -8.21 3.92 -9.41
C ASN A 45 -8.78 2.65 -10.06
N LEU A 46 -8.95 1.59 -9.28
CA LEU A 46 -9.48 0.33 -9.80
C LEU A 46 -10.96 0.16 -9.48
N GLY A 47 -11.55 1.16 -8.83
CA GLY A 47 -12.96 1.07 -8.52
C GLY A 47 -13.31 0.90 -7.06
N HIS A 48 -14.57 0.53 -6.81
CA HIS A 48 -15.09 0.34 -5.46
C HIS A 48 -14.79 -1.01 -4.85
N PRO A 49 -14.59 -1.04 -3.53
CA PRO A 49 -14.31 -2.31 -2.85
C PRO A 49 -15.56 -3.14 -2.63
N LEU A 50 -15.41 -4.45 -2.61
CA LEU A 50 -16.52 -5.34 -2.35
C LEU A 50 -16.55 -5.43 -0.84
N ILE A 51 -17.58 -4.85 -0.23
CA ILE A 51 -17.69 -4.84 1.22
C ILE A 51 -18.64 -5.93 1.71
N LEU A 52 -18.08 -6.94 2.36
CA LEU A 52 -18.86 -8.06 2.88
C LEU A 52 -19.17 -7.83 4.36
N ASP A 53 -20.42 -7.50 4.67
CA ASP A 53 -20.78 -7.25 6.07
C ASP A 53 -21.47 -8.39 6.82
N THR A 54 -21.98 -9.39 6.11
CA THR A 54 -22.61 -10.52 6.79
C THR A 54 -22.08 -11.85 6.29
N CYS A 55 -21.49 -11.84 5.10
CA CYS A 55 -20.95 -13.06 4.49
C CYS A 55 -19.45 -13.07 4.29
N THR A 56 -18.82 -14.19 4.64
CA THR A 56 -17.38 -14.34 4.45
C THR A 56 -17.16 -14.77 3.00
N ILE A 57 -15.93 -14.57 2.52
CA ILE A 57 -15.59 -14.91 1.15
C ILE A 57 -16.05 -16.31 0.77
N GLU A 58 -15.80 -17.29 1.62
CA GLU A 58 -16.20 -18.65 1.29
C GLU A 58 -17.71 -18.80 1.32
N GLY A 59 -18.37 -18.01 2.16
CA GLY A 59 -19.83 -18.06 2.23
C GLY A 59 -20.37 -17.66 0.87
N LEU A 60 -19.80 -16.60 0.29
CA LEU A 60 -20.18 -16.11 -1.01
C LEU A 60 -19.88 -17.17 -2.08
N ILE A 61 -18.65 -17.66 -2.10
CA ILE A 61 -18.25 -18.65 -3.09
C ILE A 61 -19.15 -19.89 -3.09
N TYR A 62 -19.44 -20.43 -1.91
CA TYR A 62 -20.29 -21.61 -1.83
C TYR A 62 -21.78 -21.28 -1.93
N GLY A 63 -22.12 -20.00 -1.88
CA GLY A 63 -23.51 -19.63 -1.98
C GLY A 63 -24.34 -19.91 -0.74
N ASN A 64 -23.80 -19.52 0.42
CA ASN A 64 -24.53 -19.69 1.67
C ASN A 64 -25.90 -19.01 1.41
N PRO A 65 -27.01 -19.69 1.76
CA PRO A 65 -28.34 -19.10 1.54
C PRO A 65 -28.59 -17.71 2.11
N SER A 66 -27.71 -17.23 2.97
CA SER A 66 -27.87 -15.90 3.56
C SER A 66 -27.15 -14.84 2.74
N CYS A 67 -26.51 -15.25 1.64
CA CYS A 67 -25.74 -14.33 0.82
C CYS A 67 -26.33 -14.13 -0.58
N ASP A 68 -27.64 -14.27 -0.70
CA ASP A 68 -28.30 -14.12 -2.00
C ASP A 68 -28.02 -12.79 -2.73
N LEU A 69 -27.87 -11.71 -1.97
CA LEU A 69 -27.58 -10.42 -2.57
C LEU A 69 -26.34 -10.45 -3.47
N LEU A 70 -25.44 -11.39 -3.19
CA LEU A 70 -24.21 -11.49 -3.98
C LEU A 70 -24.31 -12.44 -5.17
N LEU A 71 -25.45 -13.12 -5.31
CA LEU A 71 -25.63 -14.07 -6.41
C LEU A 71 -25.46 -13.49 -7.81
N GLY A 72 -25.74 -12.20 -7.96
CA GLY A 72 -25.64 -11.60 -9.27
C GLY A 72 -24.23 -11.25 -9.74
N GLY A 73 -23.24 -11.50 -8.90
CA GLY A 73 -21.87 -11.20 -9.28
C GLY A 73 -21.48 -9.77 -8.97
N ARG A 74 -20.19 -9.54 -8.75
CA ARG A 74 -19.67 -8.21 -8.45
C ARG A 74 -18.30 -8.06 -9.08
N GLU A 75 -17.76 -6.85 -8.98
CA GLU A 75 -16.41 -6.59 -9.45
C GLU A 75 -15.88 -5.61 -8.42
N TRP A 76 -14.61 -5.72 -8.10
CA TRP A 76 -14.05 -4.87 -7.07
C TRP A 76 -12.59 -4.52 -7.28
N SER A 77 -12.13 -3.54 -6.50
CA SER A 77 -10.75 -3.09 -6.52
C SER A 77 -10.07 -3.89 -5.41
N TYR A 78 -10.76 -3.99 -4.27
CA TYR A 78 -10.29 -4.74 -3.11
C TYR A 78 -11.47 -5.24 -2.28
N ILE A 79 -11.21 -6.15 -1.35
CA ILE A 79 -12.27 -6.72 -0.52
C ILE A 79 -12.17 -6.33 0.95
N VAL A 80 -13.32 -6.14 1.58
CA VAL A 80 -13.39 -5.79 2.99
C VAL A 80 -14.33 -6.78 3.64
N GLU A 81 -13.83 -7.49 4.65
CA GLU A 81 -14.62 -8.45 5.39
C GLU A 81 -14.86 -7.85 6.76
N ARG A 82 -16.06 -7.31 6.97
CA ARG A 82 -16.39 -6.72 8.25
C ARG A 82 -16.32 -7.81 9.31
N PRO A 83 -16.08 -7.43 10.57
CA PRO A 83 -16.01 -8.43 11.65
C PRO A 83 -17.39 -9.07 11.85
N SER A 84 -18.42 -8.40 11.33
CA SER A 84 -19.78 -8.89 11.44
C SER A 84 -20.07 -10.02 10.45
N ALA A 85 -19.24 -10.13 9.40
CA ALA A 85 -19.44 -11.19 8.42
C ALA A 85 -19.22 -12.53 9.13
N VAL A 86 -20.29 -13.28 9.34
CA VAL A 86 -20.20 -14.56 10.04
C VAL A 86 -20.85 -15.70 9.28
N ASN A 87 -21.45 -15.40 8.14
CA ASN A 87 -22.09 -16.44 7.34
C ASN A 87 -21.12 -17.01 6.32
N GLY A 88 -20.51 -18.15 6.67
CA GLY A 88 -19.57 -18.81 5.79
C GLY A 88 -20.12 -20.18 5.47
N MET A 89 -19.60 -21.21 6.13
CA MET A 89 -20.11 -22.56 5.88
C MET A 89 -21.16 -22.88 6.94
N CYS A 90 -22.43 -22.68 6.59
CA CYS A 90 -23.54 -22.92 7.50
C CYS A 90 -23.62 -24.37 7.99
N TYR A 91 -23.41 -25.33 7.10
CA TYR A 91 -23.44 -26.73 7.49
C TYR A 91 -22.03 -27.08 7.96
N PRO A 92 -21.89 -27.63 9.18
CA PRO A 92 -20.61 -28.02 9.78
C PRO A 92 -19.68 -28.75 8.82
N GLY A 93 -18.46 -28.26 8.71
CA GLY A 93 -17.48 -28.88 7.83
C GLY A 93 -16.39 -27.88 7.48
N ASN A 94 -15.29 -28.35 6.92
CA ASN A 94 -14.20 -27.44 6.57
C ASN A 94 -13.91 -27.40 5.09
N VAL A 95 -13.36 -26.27 4.65
CA VAL A 95 -13.00 -26.07 3.27
C VAL A 95 -11.52 -26.42 3.16
N GLU A 96 -11.19 -27.35 2.27
CA GLU A 96 -9.81 -27.75 2.04
C GLU A 96 -9.10 -26.61 1.31
N ASN A 97 -7.90 -26.25 1.77
CA ASN A 97 -7.13 -25.16 1.17
C ASN A 97 -7.91 -23.85 1.14
N LEU A 98 -8.50 -23.50 2.28
CA LEU A 98 -9.30 -22.30 2.41
C LEU A 98 -8.51 -21.03 2.08
N GLU A 99 -7.30 -20.91 2.63
CA GLU A 99 -6.45 -19.75 2.38
C GLU A 99 -6.20 -19.55 0.89
N GLU A 100 -5.87 -20.63 0.19
CA GLU A 100 -5.63 -20.54 -1.24
C GLU A 100 -6.89 -20.09 -1.96
N LEU A 101 -8.03 -20.64 -1.55
CA LEU A 101 -9.31 -20.29 -2.17
C LEU A 101 -9.57 -18.79 -2.00
N ARG A 102 -9.51 -18.32 -0.76
CA ARG A 102 -9.75 -16.89 -0.47
C ARG A 102 -8.75 -16.01 -1.21
N SER A 103 -7.51 -16.49 -1.32
CA SER A 103 -6.48 -15.73 -2.02
C SER A 103 -6.80 -15.68 -3.51
N LEU A 104 -7.11 -16.83 -4.09
CA LEU A 104 -7.43 -16.91 -5.51
C LEU A 104 -8.58 -15.99 -5.84
N PHE A 105 -9.62 -16.05 -5.02
CA PHE A 105 -10.79 -15.23 -5.22
C PHE A 105 -10.49 -13.74 -5.13
N SER A 106 -9.88 -13.30 -4.03
CA SER A 106 -9.58 -11.89 -3.85
C SER A 106 -8.67 -11.31 -4.92
N SER A 107 -7.87 -12.16 -5.56
CA SER A 107 -6.94 -11.70 -6.58
C SER A 107 -7.64 -11.29 -7.86
N ALA A 108 -8.81 -11.87 -8.11
CA ALA A 108 -9.58 -11.51 -9.30
C ALA A 108 -10.24 -10.17 -9.02
N SER A 109 -10.89 -9.59 -10.02
CA SER A 109 -11.58 -8.32 -9.81
C SER A 109 -13.07 -8.48 -10.04
N SER A 110 -13.51 -9.70 -10.35
CA SER A 110 -14.92 -9.98 -10.57
C SER A 110 -15.22 -11.47 -10.68
N TYR A 111 -16.47 -11.82 -10.41
CA TYR A 111 -16.93 -13.20 -10.53
C TYR A 111 -18.34 -13.15 -11.14
N GLN A 112 -18.70 -14.22 -11.83
CA GLN A 112 -20.01 -14.34 -12.44
C GLN A 112 -20.35 -15.82 -12.35
N ARG A 113 -21.51 -16.14 -11.77
CA ARG A 113 -21.91 -17.54 -11.63
C ARG A 113 -22.25 -18.17 -12.97
N ILE A 114 -22.11 -19.49 -13.03
CA ILE A 114 -22.40 -20.24 -14.25
C ILE A 114 -22.88 -21.62 -13.83
N GLN A 115 -24.01 -22.06 -14.39
CA GLN A 115 -24.53 -23.38 -14.03
C GLN A 115 -23.73 -24.49 -14.67
N ILE A 116 -23.31 -25.45 -13.84
CA ILE A 116 -22.53 -26.58 -14.30
C ILE A 116 -23.40 -27.81 -14.52
N PHE A 117 -24.20 -28.17 -13.52
CA PHE A 117 -25.10 -29.32 -13.63
C PHE A 117 -26.54 -28.91 -13.34
N PRO A 118 -27.40 -28.96 -14.37
CA PRO A 118 -28.81 -28.59 -14.20
C PRO A 118 -29.52 -29.64 -13.35
N ASP A 119 -30.46 -29.21 -12.52
CA ASP A 119 -31.19 -30.13 -11.64
C ASP A 119 -31.81 -31.33 -12.37
N THR A 120 -32.21 -31.15 -13.63
CA THR A 120 -32.84 -32.22 -14.41
C THR A 120 -31.97 -33.45 -14.66
N ILE A 121 -30.67 -33.26 -14.82
CA ILE A 121 -29.77 -34.38 -15.10
C ILE A 121 -29.76 -35.48 -14.04
N TRP A 122 -30.10 -35.16 -12.80
CA TRP A 122 -30.08 -36.16 -11.73
C TRP A 122 -31.26 -37.10 -11.76
N ASN A 123 -31.02 -38.32 -11.29
CA ASN A 123 -32.05 -39.34 -11.22
C ASN A 123 -32.30 -39.63 -9.75
N VAL A 124 -31.85 -38.71 -8.91
CA VAL A 124 -32.03 -38.82 -7.47
C VAL A 124 -32.55 -37.47 -6.98
N SER A 125 -32.93 -37.40 -5.71
CA SER A 125 -33.45 -36.14 -5.19
C SER A 125 -32.30 -35.13 -5.10
N TYR A 126 -32.60 -33.85 -5.29
CA TYR A 126 -31.57 -32.83 -5.26
C TYR A 126 -31.88 -31.59 -4.44
N SER A 127 -33.03 -31.57 -3.77
CA SER A 127 -33.39 -30.39 -3.01
C SER A 127 -33.20 -30.49 -1.50
N GLY A 128 -32.30 -31.37 -1.08
CA GLY A 128 -32.04 -31.52 0.34
C GLY A 128 -31.68 -30.18 0.96
N THR A 129 -32.10 -29.96 2.19
CA THR A 129 -31.80 -28.70 2.87
C THR A 129 -31.44 -28.98 4.32
N SER A 130 -31.19 -27.93 5.08
CA SER A 130 -30.84 -28.09 6.48
C SER A 130 -31.21 -26.86 7.27
N SER A 131 -31.57 -27.05 8.53
CA SER A 131 -31.93 -25.95 9.41
C SER A 131 -30.68 -25.16 9.76
N ALA A 132 -29.52 -25.78 9.61
CA ALA A 132 -28.26 -25.10 9.90
C ALA A 132 -28.03 -24.07 8.80
N CYS A 133 -28.73 -24.25 7.69
CA CYS A 133 -28.60 -23.34 6.57
C CYS A 133 -29.90 -22.59 6.23
N SER A 134 -30.52 -22.01 7.24
CA SER A 134 -31.75 -21.26 7.03
C SER A 134 -32.83 -22.13 6.40
N ASP A 135 -32.88 -23.39 6.81
CA ASP A 135 -33.87 -24.34 6.27
C ASP A 135 -33.76 -24.40 4.77
N SER A 136 -32.58 -24.11 4.26
CA SER A 136 -32.32 -24.15 2.83
C SER A 136 -30.97 -24.83 2.61
N PHE A 137 -30.27 -24.44 1.54
CA PHE A 137 -28.97 -25.01 1.25
C PHE A 137 -28.13 -24.06 0.38
N TYR A 138 -26.88 -24.44 0.13
CA TYR A 138 -25.95 -23.66 -0.69
C TYR A 138 -26.47 -23.54 -2.11
N ARG A 139 -26.26 -22.37 -2.74
CA ARG A 139 -26.70 -22.13 -4.10
C ARG A 139 -25.65 -22.60 -5.10
N SER A 140 -24.51 -23.07 -4.60
CA SER A 140 -23.44 -23.53 -5.48
C SER A 140 -23.42 -25.04 -5.65
N MET A 141 -24.13 -25.74 -4.77
CA MET A 141 -24.15 -27.19 -4.81
C MET A 141 -25.54 -27.74 -4.51
N ARG A 142 -25.72 -29.03 -4.80
CA ARG A 142 -26.97 -29.72 -4.55
C ARG A 142 -26.73 -30.91 -3.63
N TRP A 143 -27.51 -31.01 -2.56
CA TRP A 143 -27.37 -32.13 -1.64
C TRP A 143 -28.15 -33.31 -2.23
N LEU A 144 -27.47 -34.17 -2.98
CA LEU A 144 -28.13 -35.32 -3.60
C LEU A 144 -28.49 -36.37 -2.57
N THR A 145 -29.73 -36.86 -2.64
CA THR A 145 -30.20 -37.90 -1.73
C THR A 145 -31.09 -38.86 -2.51
N GLN A 146 -31.40 -40.01 -1.92
CA GLN A 146 -32.22 -41.01 -2.60
C GLN A 146 -33.64 -40.56 -2.92
N LYS A 147 -34.18 -41.13 -4.00
CA LYS A 147 -35.52 -40.82 -4.47
C LYS A 147 -36.23 -42.14 -4.73
N ASN A 148 -37.33 -42.39 -4.00
CA ASN A 148 -38.11 -43.61 -4.13
C ASN A 148 -37.33 -44.79 -3.55
N ASN A 149 -36.49 -44.49 -2.55
CA ASN A 149 -35.67 -45.51 -1.89
C ASN A 149 -34.65 -46.13 -2.84
N ALA A 150 -34.22 -45.34 -3.82
CA ALA A 150 -33.25 -45.80 -4.79
C ALA A 150 -32.22 -44.71 -5.07
N TYR A 151 -30.95 -45.09 -5.05
CA TYR A 151 -29.89 -44.15 -5.35
C TYR A 151 -29.00 -44.80 -6.39
N PRO A 152 -29.44 -44.77 -7.66
CA PRO A 152 -28.67 -45.35 -8.75
C PRO A 152 -27.36 -44.61 -8.82
N ILE A 153 -26.39 -45.15 -9.53
CA ILE A 153 -25.12 -44.47 -9.66
C ILE A 153 -25.38 -43.20 -10.48
N GLN A 154 -24.83 -42.08 -10.04
CA GLN A 154 -24.99 -40.82 -10.74
C GLN A 154 -23.68 -40.57 -11.48
N ASP A 155 -23.78 -40.22 -12.75
CA ASP A 155 -22.60 -39.96 -13.56
C ASP A 155 -22.89 -38.79 -14.50
N ALA A 156 -22.45 -37.59 -14.11
CA ALA A 156 -22.67 -36.39 -14.91
C ALA A 156 -21.38 -35.78 -15.46
N GLN A 157 -21.52 -35.02 -16.55
CA GLN A 157 -20.37 -34.39 -17.19
C GLN A 157 -20.64 -32.96 -17.62
N TYR A 158 -19.62 -32.13 -17.59
CA TYR A 158 -19.73 -30.75 -18.02
C TYR A 158 -18.39 -30.37 -18.63
N THR A 159 -18.45 -29.77 -19.81
CA THR A 159 -17.25 -29.33 -20.52
C THR A 159 -17.18 -27.82 -20.57
N ASN A 160 -16.10 -27.26 -20.06
CA ASN A 160 -15.93 -25.83 -20.05
C ASN A 160 -15.71 -25.34 -21.48
N ASN A 161 -16.73 -24.68 -22.04
CA ASN A 161 -16.64 -24.13 -23.39
C ASN A 161 -16.73 -22.61 -23.33
N ARG A 162 -16.63 -22.06 -22.12
CA ARG A 162 -16.70 -20.62 -21.91
C ARG A 162 -15.41 -19.91 -22.27
N GLY A 163 -14.36 -20.68 -22.55
CA GLY A 163 -13.09 -20.07 -22.88
C GLY A 163 -12.49 -19.32 -21.70
N LYS A 164 -12.92 -19.69 -20.50
CA LYS A 164 -12.41 -19.07 -19.28
C LYS A 164 -12.53 -20.09 -18.15
N SER A 165 -11.60 -20.04 -17.21
CA SER A 165 -11.59 -20.96 -16.08
C SER A 165 -12.82 -20.82 -15.18
N ILE A 166 -13.29 -21.96 -14.71
CA ILE A 166 -14.47 -22.00 -13.84
C ILE A 166 -14.09 -22.55 -12.48
N LEU A 167 -14.34 -21.77 -11.45
CA LEU A 167 -14.07 -22.20 -10.10
C LEU A 167 -15.31 -22.99 -9.70
N PHE A 168 -15.14 -24.25 -9.32
CA PHE A 168 -16.29 -25.04 -8.93
C PHE A 168 -16.11 -25.66 -7.55
N MET A 169 -17.24 -25.97 -6.92
CA MET A 169 -17.25 -26.51 -5.57
C MET A 169 -18.03 -27.81 -5.41
N TRP A 170 -17.72 -28.56 -4.36
CA TRP A 170 -18.43 -29.81 -4.09
C TRP A 170 -18.15 -30.22 -2.65
N GLY A 171 -18.90 -31.19 -2.17
CA GLY A 171 -18.69 -31.63 -0.80
C GLY A 171 -18.96 -33.12 -0.65
N ILE A 172 -18.56 -33.66 0.49
CA ILE A 172 -18.77 -35.06 0.79
C ILE A 172 -19.40 -35.07 2.17
N ASN A 173 -20.62 -35.60 2.24
CA ASN A 173 -21.34 -35.67 3.51
C ASN A 173 -20.94 -36.86 4.37
N HIS A 174 -20.79 -36.62 5.67
CA HIS A 174 -20.45 -37.67 6.63
C HIS A 174 -21.55 -37.73 7.68
N PRO A 175 -22.57 -38.58 7.46
CA PRO A 175 -23.70 -38.76 8.37
C PRO A 175 -23.26 -39.16 9.77
N PRO A 176 -24.01 -38.74 10.80
CA PRO A 176 -23.68 -39.06 12.19
C PRO A 176 -24.02 -40.50 12.60
N THR A 177 -24.80 -41.20 11.77
CA THR A 177 -25.20 -42.58 12.06
C THR A 177 -25.41 -43.41 10.80
N ASP A 178 -25.34 -44.73 10.94
CA ASP A 178 -25.53 -45.67 9.83
C ASP A 178 -26.96 -45.62 9.31
N THR A 179 -27.90 -45.34 10.21
CA THR A 179 -29.30 -45.26 9.85
C THR A 179 -29.51 -44.07 8.92
N VAL A 180 -28.98 -42.90 9.32
CA VAL A 180 -29.11 -41.71 8.50
C VAL A 180 -28.39 -41.91 7.17
N GLN A 181 -27.25 -42.61 7.20
CA GLN A 181 -26.50 -42.88 5.99
C GLN A 181 -27.36 -43.66 4.99
N THR A 182 -28.07 -44.67 5.50
CA THR A 182 -28.93 -45.50 4.65
C THR A 182 -30.17 -44.73 4.21
N ASN A 183 -30.81 -44.01 5.15
CA ASN A 183 -32.00 -43.24 4.82
C ASN A 183 -31.75 -42.23 3.70
N LEU A 184 -30.52 -41.75 3.61
CA LEU A 184 -30.17 -40.77 2.59
C LEU A 184 -29.58 -41.35 1.31
N TYR A 185 -28.72 -42.35 1.45
CA TYR A 185 -28.05 -42.92 0.28
C TYR A 185 -28.34 -44.38 -0.08
N THR A 186 -29.13 -45.07 0.74
CA THR A 186 -29.48 -46.47 0.46
C THR A 186 -28.35 -47.48 0.75
N ARG A 187 -27.19 -46.97 1.16
CA ARG A 187 -26.06 -47.86 1.43
C ARG A 187 -25.03 -47.16 2.32
N THR A 188 -24.36 -47.95 3.18
CA THR A 188 -23.36 -47.42 4.09
C THR A 188 -21.98 -47.32 3.47
N ASP A 189 -21.79 -47.98 2.33
CA ASP A 189 -20.49 -47.92 1.68
C ASP A 189 -20.64 -47.32 0.29
N THR A 190 -20.21 -46.08 0.14
CA THR A 190 -20.33 -45.43 -1.15
C THR A 190 -19.00 -44.97 -1.69
N THR A 191 -19.02 -44.50 -2.93
CA THR A 191 -17.82 -44.03 -3.58
C THR A 191 -18.19 -42.87 -4.50
N THR A 192 -17.50 -41.74 -4.32
CA THR A 192 -17.75 -40.56 -5.12
C THR A 192 -16.43 -40.11 -5.74
N SER A 193 -16.48 -39.73 -7.01
CA SER A 193 -15.26 -39.27 -7.66
C SER A 193 -15.52 -38.01 -8.46
N VAL A 194 -14.58 -37.08 -8.36
CA VAL A 194 -14.65 -35.82 -9.06
C VAL A 194 -13.39 -35.83 -9.92
N THR A 195 -13.57 -35.80 -11.23
CA THR A 195 -12.41 -35.86 -12.12
C THR A 195 -12.49 -34.97 -13.35
N THR A 196 -11.32 -34.69 -13.92
CA THR A 196 -11.19 -33.89 -15.13
C THR A 196 -9.94 -34.46 -15.83
N GLU A 197 -9.42 -33.78 -16.83
CA GLU A 197 -8.23 -34.27 -17.51
C GLU A 197 -7.02 -34.22 -16.56
N ASP A 198 -7.04 -33.28 -15.62
CA ASP A 198 -5.93 -33.12 -14.66
C ASP A 198 -6.14 -33.72 -13.28
N ILE A 199 -7.30 -33.52 -12.67
CA ILE A 199 -7.54 -34.07 -11.34
C ILE A 199 -8.25 -35.42 -11.37
N ASN A 200 -8.06 -36.19 -10.31
CA ASN A 200 -8.65 -37.51 -10.18
C ASN A 200 -8.85 -37.78 -8.69
N ARG A 201 -9.92 -37.19 -8.14
CA ARG A 201 -10.21 -37.34 -6.72
C ARG A 201 -11.38 -38.28 -6.44
N THR A 202 -11.22 -39.10 -5.40
CA THR A 202 -12.25 -40.04 -5.02
C THR A 202 -12.47 -39.90 -3.52
N PHE A 203 -13.68 -40.17 -3.05
CA PHE A 203 -13.98 -40.02 -1.63
C PHE A 203 -14.90 -41.12 -1.12
N LYS A 204 -14.73 -41.46 0.15
CA LYS A 204 -15.52 -42.49 0.82
C LYS A 204 -16.03 -41.92 2.13
N PRO A 205 -17.28 -42.21 2.49
CA PRO A 205 -17.81 -41.68 3.75
C PRO A 205 -17.32 -42.44 4.98
N VAL A 206 -17.37 -41.75 6.13
CA VAL A 206 -16.98 -42.34 7.40
C VAL A 206 -18.03 -41.91 8.41
N ILE A 207 -19.02 -42.77 8.62
CA ILE A 207 -20.11 -42.49 9.54
C ILE A 207 -19.67 -42.42 10.99
N GLY A 208 -20.28 -41.51 11.73
CA GLY A 208 -19.96 -41.33 13.14
C GLY A 208 -20.30 -39.93 13.62
N PRO A 209 -20.59 -39.75 14.92
CA PRO A 209 -20.93 -38.44 15.46
C PRO A 209 -19.75 -37.55 15.87
N ARG A 210 -19.68 -36.35 15.28
CA ARG A 210 -18.63 -35.39 15.62
C ARG A 210 -19.25 -34.44 16.63
N PRO A 211 -18.41 -33.65 17.31
CA PRO A 211 -18.95 -32.70 18.29
C PRO A 211 -20.01 -31.79 17.65
N LEU A 212 -20.97 -31.35 18.45
CA LEU A 212 -22.04 -30.49 17.96
C LEU A 212 -21.53 -29.16 17.40
N VAL A 213 -22.13 -28.76 16.27
CA VAL A 213 -21.82 -27.51 15.60
C VAL A 213 -23.10 -27.12 14.87
N ASN A 214 -23.62 -25.94 15.16
CA ASN A 214 -24.87 -25.49 14.55
C ASN A 214 -25.95 -26.55 14.78
N GLY A 215 -25.88 -27.21 15.93
CA GLY A 215 -26.86 -28.23 16.27
C GLY A 215 -26.74 -29.60 15.62
N LEU A 216 -25.79 -29.78 14.72
CA LEU A 216 -25.63 -31.05 14.03
C LEU A 216 -24.39 -31.85 14.47
N HIS A 217 -24.48 -33.17 14.36
CA HIS A 217 -23.37 -34.06 14.71
C HIS A 217 -22.69 -34.53 13.44
N GLY A 218 -23.37 -34.35 12.31
CA GLY A 218 -22.83 -34.74 11.03
C GLY A 218 -21.91 -33.69 10.46
N ARG A 219 -21.33 -33.97 9.30
CA ARG A 219 -20.41 -33.04 8.65
C ARG A 219 -20.44 -33.13 7.14
N ILE A 220 -19.90 -32.09 6.50
CA ILE A 220 -19.75 -32.06 5.06
C ILE A 220 -18.37 -31.49 4.82
N ASP A 221 -17.49 -32.26 4.19
CA ASP A 221 -16.15 -31.78 3.88
C ASP A 221 -16.27 -31.05 2.56
N TYR A 222 -15.82 -29.81 2.52
CA TYR A 222 -15.92 -29.00 1.31
C TYR A 222 -14.64 -28.97 0.52
N TYR A 223 -14.79 -29.01 -0.80
CA TYR A 223 -13.66 -28.99 -1.73
C TYR A 223 -13.92 -28.01 -2.86
N TRP A 224 -12.88 -27.71 -3.62
CA TRP A 224 -13.01 -26.81 -4.75
C TRP A 224 -11.85 -27.07 -5.71
N SER A 225 -12.02 -26.61 -6.95
CA SER A 225 -10.99 -26.77 -7.96
C SER A 225 -11.33 -25.86 -9.13
N VAL A 226 -10.47 -25.84 -10.14
CA VAL A 226 -10.71 -24.97 -11.29
C VAL A 226 -10.69 -25.68 -12.63
N LEU A 227 -11.85 -25.70 -13.28
CA LEU A 227 -11.97 -26.34 -14.59
C LEU A 227 -11.47 -25.33 -15.63
N LYS A 228 -10.35 -25.66 -16.27
CA LYS A 228 -9.76 -24.78 -17.26
C LYS A 228 -10.50 -24.85 -18.59
N PRO A 229 -10.33 -23.82 -19.44
CA PRO A 229 -11.02 -23.81 -20.73
C PRO A 229 -10.79 -25.10 -21.51
N GLY A 230 -11.87 -25.72 -21.98
CA GLY A 230 -11.75 -26.94 -22.74
C GLY A 230 -11.78 -28.22 -21.93
N GLN A 231 -11.40 -28.16 -20.66
CA GLN A 231 -11.41 -29.35 -19.83
C GLN A 231 -12.83 -29.83 -19.58
N THR A 232 -12.95 -31.07 -19.11
CA THR A 232 -14.25 -31.67 -18.84
C THR A 232 -14.31 -32.19 -17.41
N LEU A 233 -15.31 -31.73 -16.66
CA LEU A 233 -15.51 -32.15 -15.29
C LEU A 233 -16.49 -33.32 -15.32
N ARG A 234 -16.23 -34.32 -14.50
CA ARG A 234 -17.09 -35.48 -14.45
C ARG A 234 -17.22 -35.94 -13.01
N VAL A 235 -18.45 -36.14 -12.56
CA VAL A 235 -18.69 -36.60 -11.21
C VAL A 235 -19.49 -37.88 -11.23
N ARG A 236 -19.04 -38.85 -10.45
CA ARG A 236 -19.70 -40.14 -10.34
C ARG A 236 -19.85 -40.41 -8.85
N SER A 237 -21.03 -40.84 -8.45
CA SER A 237 -21.26 -41.15 -7.05
C SER A 237 -22.47 -42.03 -6.89
N ASN A 238 -22.45 -42.83 -5.83
CA ASN A 238 -23.56 -43.71 -5.53
C ASN A 238 -24.02 -43.32 -4.13
N GLY A 239 -23.68 -42.10 -3.73
CA GLY A 239 -24.06 -41.61 -2.42
C GLY A 239 -23.02 -40.70 -1.78
N ASN A 240 -23.47 -39.90 -0.81
CA ASN A 240 -22.63 -38.99 -0.05
C ASN A 240 -22.08 -37.74 -0.76
N LEU A 241 -22.28 -37.67 -2.08
CA LEU A 241 -21.80 -36.52 -2.84
C LEU A 241 -22.70 -35.27 -2.74
N ILE A 242 -22.07 -34.11 -2.55
CA ILE A 242 -22.77 -32.83 -2.49
C ILE A 242 -22.29 -32.23 -3.82
N ALA A 243 -23.06 -32.51 -4.87
CA ALA A 243 -22.74 -32.12 -6.23
C ALA A 243 -22.59 -30.66 -6.64
N PRO A 244 -21.66 -30.39 -7.56
CA PRO A 244 -21.45 -29.04 -8.04
C PRO A 244 -22.75 -28.64 -8.74
N TRP A 245 -23.21 -27.42 -8.51
CA TRP A 245 -24.44 -26.96 -9.14
C TRP A 245 -24.11 -25.73 -9.98
N TYR A 246 -23.51 -24.73 -9.34
CA TYR A 246 -23.09 -23.50 -10.01
C TYR A 246 -21.63 -23.23 -9.68
N GLY A 247 -20.89 -22.70 -10.65
CA GLY A 247 -19.50 -22.38 -10.45
C GLY A 247 -19.33 -20.89 -10.70
N HIS A 248 -18.12 -20.37 -10.56
CA HIS A 248 -17.85 -18.96 -10.78
C HIS A 248 -16.79 -18.76 -11.84
N ILE A 249 -16.97 -17.74 -12.67
CA ILE A 249 -15.97 -17.42 -13.67
C ILE A 249 -15.27 -16.21 -13.07
N LEU A 250 -13.99 -16.35 -12.76
CA LEU A 250 -13.22 -15.26 -12.19
C LEU A 250 -12.53 -14.50 -13.32
N SER A 251 -12.45 -13.17 -13.20
CA SER A 251 -11.79 -12.38 -14.23
C SER A 251 -11.03 -11.21 -13.66
N GLY A 252 -10.09 -10.71 -14.45
CA GLY A 252 -9.30 -9.57 -14.06
C GLY A 252 -8.40 -9.72 -12.84
N GLU A 253 -7.78 -8.61 -12.46
CA GLU A 253 -6.89 -8.58 -11.32
C GLU A 253 -7.19 -7.32 -10.53
N SER A 254 -7.39 -7.48 -9.23
CA SER A 254 -7.68 -6.34 -8.39
C SER A 254 -6.39 -6.06 -7.64
N HIS A 255 -6.49 -5.28 -6.57
CA HIS A 255 -5.31 -5.00 -5.77
C HIS A 255 -4.96 -6.28 -5.02
N GLY A 256 -5.90 -7.23 -5.02
CA GLY A 256 -5.69 -8.49 -4.35
C GLY A 256 -5.56 -8.41 -2.83
N ARG A 257 -6.32 -7.52 -2.22
CA ARG A 257 -6.29 -7.37 -0.76
C ARG A 257 -7.59 -7.82 -0.12
N ILE A 258 -7.48 -8.23 1.14
CA ILE A 258 -8.63 -8.61 1.94
C ILE A 258 -8.46 -7.87 3.26
N LEU A 259 -9.18 -6.77 3.42
CA LEU A 259 -9.05 -6.00 4.66
C LEU A 259 -10.12 -6.47 5.64
N LYS A 260 -9.71 -6.76 6.86
CA LYS A 260 -10.63 -7.21 7.90
C LYS A 260 -10.75 -6.12 8.94
N THR A 261 -11.65 -5.18 8.68
CA THR A 261 -11.85 -4.04 9.56
C THR A 261 -13.29 -3.56 9.50
N ASP A 262 -13.67 -2.72 10.45
CA ASP A 262 -15.02 -2.18 10.49
C ASP A 262 -14.94 -0.70 10.18
N LEU A 263 -13.82 -0.27 9.60
CA LEU A 263 -13.61 1.12 9.25
C LEU A 263 -14.77 1.59 8.37
N ASN A 264 -15.25 2.80 8.63
CA ASN A 264 -16.35 3.35 7.84
C ASN A 264 -15.95 3.51 6.38
N SER A 265 -16.90 3.24 5.50
CA SER A 265 -16.64 3.39 4.07
C SER A 265 -17.40 4.65 3.66
N GLY A 266 -16.92 5.32 2.63
CA GLY A 266 -17.59 6.53 2.20
C GLY A 266 -17.65 6.62 0.70
N ASN A 267 -18.31 7.67 0.22
CA ASN A 267 -18.45 7.91 -1.21
C ASN A 267 -17.24 8.79 -1.55
N CYS A 268 -16.10 8.13 -1.74
CA CYS A 268 -14.85 8.83 -2.00
C CYS A 268 -13.92 8.04 -2.90
N VAL A 269 -12.91 8.72 -3.42
CA VAL A 269 -11.92 8.10 -4.26
C VAL A 269 -10.54 8.60 -3.84
N VAL A 270 -9.59 7.67 -3.68
CA VAL A 270 -8.24 8.06 -3.30
C VAL A 270 -7.23 7.38 -4.19
N GLN A 271 -6.01 7.89 -4.15
CA GLN A 271 -4.92 7.32 -4.94
C GLN A 271 -4.41 6.08 -4.20
N CYS A 272 -4.21 6.25 -2.89
CA CYS A 272 -3.68 5.22 -2.03
C CYS A 272 -4.59 4.84 -0.84
N GLN A 273 -4.90 3.55 -0.74
CA GLN A 273 -5.77 3.07 0.33
C GLN A 273 -5.06 2.18 1.36
N THR A 274 -5.39 2.33 2.63
CA THR A 274 -4.81 1.50 3.68
C THR A 274 -5.97 1.05 4.57
N GLU A 275 -5.72 0.12 5.48
CA GLU A 275 -6.81 -0.35 6.35
C GLU A 275 -7.21 0.69 7.38
N ARG A 276 -6.42 1.76 7.51
CA ARG A 276 -6.71 2.83 8.45
C ARG A 276 -7.39 4.02 7.77
N GLY A 277 -7.25 4.09 6.44
CA GLY A 277 -7.82 5.19 5.70
C GLY A 277 -7.04 5.42 4.42
N GLY A 278 -7.55 6.32 3.57
CA GLY A 278 -6.89 6.60 2.31
C GLY A 278 -6.21 7.95 2.29
N LEU A 279 -5.49 8.22 1.22
CA LEU A 279 -4.76 9.48 1.11
C LEU A 279 -4.37 9.80 -0.32
N ASN A 280 -4.11 11.08 -0.56
CA ASN A 280 -3.67 11.61 -1.84
C ASN A 280 -2.46 12.46 -1.51
N THR A 281 -1.40 12.34 -2.29
CA THR A 281 -0.20 13.14 -2.02
C THR A 281 0.83 12.99 -3.12
N THR A 282 1.73 13.96 -3.21
CA THR A 282 2.80 13.92 -4.19
C THR A 282 4.12 13.73 -3.45
N LEU A 283 4.07 13.73 -2.12
CA LEU A 283 5.27 13.53 -1.31
C LEU A 283 5.76 12.09 -1.54
N PRO A 284 7.08 11.86 -1.50
CA PRO A 284 7.65 10.52 -1.72
C PRO A 284 7.38 9.44 -0.66
N PHE A 285 7.14 9.84 0.58
CA PHE A 285 6.91 8.88 1.66
C PHE A 285 5.63 9.10 2.46
N HIS A 286 5.26 8.08 3.22
CA HIS A 286 4.10 8.13 4.11
C HIS A 286 4.35 7.15 5.25
N ASN A 287 3.68 7.36 6.39
CA ASN A 287 3.84 6.50 7.54
C ASN A 287 2.49 5.95 8.03
N VAL A 288 1.52 5.92 7.13
CA VAL A 288 0.18 5.45 7.47
C VAL A 288 0.06 3.94 7.69
N SER A 289 0.66 3.16 6.79
CA SER A 289 0.62 1.71 6.89
C SER A 289 1.45 1.02 5.80
N LYS A 290 2.13 -0.05 6.18
CA LYS A 290 2.93 -0.80 5.22
C LYS A 290 2.04 -1.60 4.27
N TYR A 291 0.75 -1.69 4.59
CA TYR A 291 -0.19 -2.43 3.76
C TYR A 291 -0.86 -1.56 2.71
N ALA A 292 -0.43 -0.31 2.62
CA ALA A 292 -1.01 0.61 1.65
C ALA A 292 -0.96 0.02 0.25
N PHE A 293 -2.00 0.29 -0.54
CA PHE A 293 -2.04 -0.19 -1.91
C PHE A 293 -2.74 0.82 -2.80
N GLY A 294 -2.52 0.69 -4.11
CA GLY A 294 -3.09 1.62 -5.06
C GLY A 294 -1.94 2.38 -5.68
N ASN A 295 -2.09 3.68 -5.81
CA ASN A 295 -1.06 4.55 -6.37
C ASN A 295 -0.47 5.22 -5.15
N CYS A 296 0.60 4.63 -4.60
CA CYS A 296 1.18 5.11 -3.36
C CYS A 296 2.64 5.54 -3.30
N PRO A 297 2.97 6.28 -2.24
CA PRO A 297 4.31 6.78 -1.98
C PRO A 297 4.96 5.55 -1.28
N LYS A 298 6.22 5.66 -0.89
CA LYS A 298 6.87 4.54 -0.21
C LYS A 298 6.62 4.64 1.29
N TYR A 299 6.19 3.54 1.90
CA TYR A 299 5.96 3.54 3.34
C TYR A 299 7.30 3.55 4.08
N VAL A 300 7.37 4.34 5.15
CA VAL A 300 8.57 4.46 5.98
C VAL A 300 8.07 4.62 7.41
N GLY A 301 8.65 3.86 8.34
CA GLY A 301 8.21 3.95 9.72
C GLY A 301 8.85 5.05 10.56
N VAL A 302 8.48 6.30 10.30
CA VAL A 302 9.02 7.41 11.06
C VAL A 302 7.96 8.48 11.20
N LYS A 303 8.24 9.49 12.02
CA LYS A 303 7.29 10.57 12.26
C LYS A 303 7.54 11.75 11.33
N SER A 304 8.76 11.84 10.80
CA SER A 304 9.11 12.94 9.92
C SER A 304 10.41 12.74 9.15
N LEU A 305 10.46 13.28 7.94
CA LEU A 305 11.65 13.21 7.10
C LEU A 305 11.79 14.59 6.48
N LYS A 306 12.31 15.51 7.28
CA LYS A 306 12.48 16.91 6.87
C LYS A 306 13.80 17.19 6.12
N LEU A 307 13.65 17.56 4.86
CA LEU A 307 14.79 17.87 3.99
C LEU A 307 15.15 19.36 3.99
N ALA A 308 16.41 19.67 4.25
CA ALA A 308 16.85 21.06 4.22
C ALA A 308 16.79 21.59 2.80
N VAL A 309 16.32 22.83 2.66
CA VAL A 309 16.23 23.49 1.36
C VAL A 309 17.08 24.75 1.44
N GLY A 310 16.81 25.54 2.48
CA GLY A 310 17.57 26.76 2.68
C GLY A 310 18.84 26.50 3.47
N LEU A 311 19.45 27.57 3.98
CA LEU A 311 20.68 27.48 4.76
C LEU A 311 20.47 27.51 6.28
N ARG A 312 21.55 27.27 7.02
CA ARG A 312 21.48 27.27 8.47
C ARG A 312 21.00 28.66 8.91
N ASN A 313 19.94 28.67 9.72
CA ASN A 313 19.35 29.93 10.17
C ASN A 313 20.07 30.47 11.41
N VAL A 314 20.91 31.48 11.22
CA VAL A 314 21.69 32.07 12.30
C VAL A 314 21.22 33.45 12.73
N PRO A 315 20.67 33.57 13.94
CA PRO A 315 20.18 34.86 14.43
C PRO A 315 21.33 35.85 14.64
N ALA A 316 21.19 37.07 14.11
CA ALA A 316 22.22 38.09 14.25
C ALA A 316 22.35 38.51 15.71
N ARG A 317 21.20 38.74 16.35
CA ARG A 317 21.15 39.18 17.75
C ARG A 317 21.43 38.06 18.76
N GLY B 1 31.40 25.74 10.00
CA GLY B 1 31.08 24.61 9.06
C GLY B 1 32.18 24.42 8.03
N LEU B 2 32.05 23.37 7.24
CA LEU B 2 33.02 23.00 6.20
C LEU B 2 33.68 24.16 5.43
N PHE B 3 32.89 25.12 4.95
CA PHE B 3 33.52 26.18 4.20
C PHE B 3 33.83 27.43 5.01
N GLY B 4 33.56 27.37 6.31
CA GLY B 4 33.87 28.46 7.22
C GLY B 4 33.21 29.83 7.15
N ALA B 5 32.21 30.00 6.29
CA ALA B 5 31.54 31.29 6.15
C ALA B 5 30.29 31.45 7.03
N ILE B 6 29.24 30.68 6.72
CA ILE B 6 27.99 30.75 7.47
C ILE B 6 28.21 30.30 8.91
N ALA B 7 27.74 31.09 9.87
CA ALA B 7 27.94 30.79 11.28
C ALA B 7 29.44 30.49 11.45
N GLY B 8 30.24 31.19 10.65
CA GLY B 8 31.68 31.04 10.67
C GLY B 8 32.34 32.40 10.87
N PHE B 9 33.16 32.84 9.93
CA PHE B 9 33.79 34.13 10.09
C PHE B 9 32.77 35.25 9.80
N ILE B 10 31.66 34.89 9.16
CA ILE B 10 30.59 35.85 8.93
C ILE B 10 29.60 35.32 9.99
N GLU B 11 29.85 35.76 11.22
CA GLU B 11 29.11 35.33 12.40
C GLU B 11 27.59 35.20 12.40
N GLY B 12 26.88 36.09 11.73
CA GLY B 12 25.44 35.98 11.74
C GLY B 12 24.72 36.25 10.42
N GLY B 13 23.44 35.91 10.39
CA GLY B 13 22.66 36.16 9.19
C GLY B 13 22.01 37.53 9.24
N TRP B 14 21.41 37.93 8.12
CA TRP B 14 20.75 39.22 8.02
C TRP B 14 19.24 39.06 7.85
N PRO B 15 18.44 39.57 8.80
CA PRO B 15 16.98 39.44 8.68
C PRO B 15 16.49 40.39 7.58
N GLY B 16 17.31 41.37 7.25
CA GLY B 16 16.97 42.34 6.23
C GLY B 16 17.13 41.88 4.79
N LEU B 17 17.76 40.71 4.60
CA LEU B 17 17.96 40.16 3.26
C LEU B 17 16.71 39.34 2.94
N VAL B 18 15.69 39.99 2.39
CA VAL B 18 14.43 39.30 2.10
C VAL B 18 14.27 38.62 0.75
N ALA B 19 15.02 39.05 -0.25
CA ALA B 19 14.89 38.47 -1.58
C ALA B 19 15.61 37.15 -1.82
N GLY B 20 16.72 36.92 -1.13
CA GLY B 20 17.45 35.69 -1.36
C GLY B 20 18.33 35.23 -0.23
N TRP B 21 19.05 34.15 -0.49
CA TRP B 21 19.92 33.56 0.51
C TRP B 21 21.24 34.28 0.71
N TYR B 22 21.82 34.81 -0.36
CA TYR B 22 23.12 35.50 -0.30
C TYR B 22 23.00 36.92 -0.86
N GLY B 23 23.78 37.84 -0.31
CA GLY B 23 23.71 39.21 -0.81
C GLY B 23 24.83 40.12 -0.34
N PHE B 24 24.63 41.42 -0.55
CA PHE B 24 25.60 42.43 -0.17
C PHE B 24 24.98 43.52 0.67
N GLN B 25 25.79 44.13 1.53
CA GLN B 25 25.36 45.26 2.33
C GLN B 25 26.49 46.26 2.15
N HIS B 26 26.15 47.48 1.74
CA HIS B 26 27.16 48.52 1.53
C HIS B 26 26.95 49.67 2.50
N SER B 27 28.00 50.47 2.69
CA SER B 27 27.97 51.63 3.58
C SER B 27 28.81 52.76 2.97
N ASN B 28 28.16 53.84 2.57
CA ASN B 28 28.87 54.98 2.02
C ASN B 28 28.15 56.25 2.51
N ASP B 29 28.54 57.41 2.00
CA ASP B 29 27.92 58.67 2.41
C ASP B 29 26.41 58.65 2.21
N GLN B 30 25.97 58.01 1.13
CA GLN B 30 24.56 57.95 0.80
C GLN B 30 23.72 57.04 1.68
N GLY B 31 24.37 56.37 2.64
CA GLY B 31 23.63 55.49 3.53
C GLY B 31 24.02 54.02 3.49
N VAL B 32 23.22 53.21 4.18
CA VAL B 32 23.44 51.77 4.25
C VAL B 32 22.28 51.00 3.64
N GLY B 33 22.59 49.82 3.11
CA GLY B 33 21.55 49.00 2.50
C GLY B 33 22.03 47.64 2.03
N MET B 34 21.12 46.70 1.91
CA MET B 34 21.45 45.36 1.45
C MET B 34 20.43 44.85 0.46
N ALA B 35 20.89 43.98 -0.43
CA ALA B 35 20.04 43.38 -1.44
C ALA B 35 20.66 42.03 -1.77
N ALA B 36 19.83 41.09 -2.17
CA ALA B 36 20.32 39.76 -2.51
C ALA B 36 21.07 39.77 -3.84
N ASP B 37 22.03 38.86 -4.00
CA ASP B 37 22.77 38.75 -5.24
C ASP B 37 21.95 37.75 -6.05
N SER B 38 21.35 38.20 -7.14
CA SER B 38 20.53 37.32 -7.95
C SER B 38 21.23 36.12 -8.56
N ASP B 39 22.38 36.35 -9.17
CA ASP B 39 23.14 35.29 -9.81
C ASP B 39 23.36 34.09 -8.90
N SER B 40 24.09 34.29 -7.81
CA SER B 40 24.39 33.20 -6.89
C SER B 40 23.14 32.58 -6.28
N THR B 41 22.16 33.40 -5.91
CA THR B 41 20.92 32.89 -5.31
C THR B 41 20.11 32.03 -6.28
N GLN B 42 19.92 32.51 -7.50
CA GLN B 42 19.13 31.76 -8.47
C GLN B 42 19.78 30.44 -8.83
N LYS B 43 21.11 30.43 -8.92
CA LYS B 43 21.85 29.21 -9.24
C LYS B 43 21.68 28.19 -8.11
N ALA B 44 21.70 28.66 -6.86
CA ALA B 44 21.53 27.76 -5.72
C ALA B 44 20.09 27.21 -5.68
N ILE B 45 19.12 28.08 -6.00
CA ILE B 45 17.72 27.66 -6.00
C ILE B 45 17.48 26.55 -7.02
N ASP B 46 18.08 26.67 -8.20
CA ASP B 46 17.90 25.65 -9.23
C ASP B 46 18.52 24.34 -8.79
N LYS B 47 19.70 24.41 -8.19
CA LYS B 47 20.39 23.20 -7.74
C LYS B 47 19.57 22.42 -6.72
N ILE B 48 19.17 23.10 -5.65
CA ILE B 48 18.40 22.44 -4.59
C ILE B 48 17.02 22.01 -5.08
N THR B 49 16.41 22.80 -5.96
CA THR B 49 15.09 22.42 -6.49
C THR B 49 15.25 21.09 -7.22
N SER B 50 16.34 20.94 -7.97
CA SER B 50 16.62 19.71 -8.69
C SER B 50 16.82 18.55 -7.72
N LYS B 51 17.62 18.78 -6.69
CA LYS B 51 17.88 17.73 -5.71
C LYS B 51 16.57 17.25 -5.11
N VAL B 52 15.70 18.18 -4.75
CA VAL B 52 14.42 17.80 -4.19
C VAL B 52 13.65 16.92 -5.16
N ASN B 53 13.51 17.39 -6.39
CA ASN B 53 12.78 16.63 -7.40
C ASN B 53 13.37 15.24 -7.63
N ASN B 54 14.68 15.15 -7.77
CA ASN B 54 15.29 13.84 -7.99
C ASN B 54 15.10 12.92 -6.79
N ILE B 55 15.18 13.48 -5.59
CA ILE B 55 14.96 12.65 -4.40
C ILE B 55 13.54 12.13 -4.43
N VAL B 56 12.59 13.03 -4.64
CA VAL B 56 11.18 12.63 -4.69
C VAL B 56 10.97 11.57 -5.77
N ASP B 57 11.54 11.80 -6.95
CA ASP B 57 11.39 10.88 -8.06
C ASP B 57 12.05 9.53 -7.80
N LYS B 58 13.21 9.53 -7.15
CA LYS B 58 13.92 8.29 -6.89
C LYS B 58 13.34 7.47 -5.73
N MET B 59 12.70 8.17 -4.78
CA MET B 59 12.16 7.51 -3.60
C MET B 59 10.66 7.31 -3.49
N ASN B 60 9.87 7.83 -4.42
CA ASN B 60 8.43 7.67 -4.28
C ASN B 60 7.83 6.33 -4.73
N LYS B 61 8.69 5.39 -5.13
CA LYS B 61 8.17 4.08 -5.56
C LYS B 61 7.78 3.23 -4.35
N GLN B 62 6.55 2.75 -4.37
CA GLN B 62 6.00 1.92 -3.30
C GLN B 62 6.42 0.47 -3.42
N TYR B 63 6.36 -0.27 -2.31
CA TYR B 63 6.63 -1.70 -2.34
C TYR B 63 5.32 -2.29 -1.80
N GLY B 64 4.94 -3.45 -2.30
CA GLY B 64 3.68 -4.04 -1.85
C GLY B 64 3.79 -5.20 -0.87
N ILE B 65 3.05 -5.08 0.23
CA ILE B 65 3.00 -6.12 1.24
C ILE B 65 1.54 -6.46 1.46
N ILE B 66 1.20 -7.72 1.17
CA ILE B 66 -0.15 -8.23 1.34
C ILE B 66 -0.18 -9.04 2.62
N ASP B 67 -1.19 -8.77 3.45
CA ASP B 67 -1.33 -9.48 4.72
C ASP B 67 -1.94 -10.87 4.47
N HIS B 68 -1.13 -11.76 3.90
CA HIS B 68 -1.56 -13.12 3.59
C HIS B 68 -2.03 -13.91 4.80
N GLU B 69 -2.97 -14.82 4.57
CA GLU B 69 -3.52 -15.68 5.61
C GLU B 69 -2.78 -17.01 5.58
N PHE B 70 -2.45 -17.55 6.76
CA PHE B 70 -1.75 -18.82 6.85
C PHE B 70 -2.52 -19.77 7.77
N SER B 71 -2.51 -21.05 7.44
CA SER B 71 -3.20 -22.05 8.24
C SER B 71 -2.39 -22.41 9.50
N GLU B 72 -2.96 -23.25 10.35
CA GLU B 72 -2.28 -23.66 11.58
C GLU B 72 -0.96 -24.34 11.30
N ILE B 73 -0.88 -25.09 10.22
CA ILE B 73 0.36 -25.79 9.89
C ILE B 73 1.26 -25.06 8.90
N GLU B 74 1.15 -23.73 8.87
CA GLU B 74 2.01 -22.95 7.98
C GLU B 74 2.73 -21.91 8.82
N THR B 75 3.12 -22.28 10.03
CA THR B 75 3.80 -21.35 10.93
C THR B 75 5.18 -20.97 10.43
N ARG B 76 5.86 -21.89 9.76
CA ARG B 76 7.18 -21.59 9.23
C ARG B 76 7.05 -20.62 8.06
N LEU B 77 6.10 -20.87 7.17
CA LEU B 77 5.88 -19.99 6.02
C LEU B 77 5.51 -18.61 6.54
N ASN B 78 4.70 -18.58 7.59
CA ASN B 78 4.26 -17.33 8.21
C ASN B 78 5.48 -16.52 8.72
N MET B 79 6.41 -17.20 9.38
CA MET B 79 7.62 -16.55 9.89
C MET B 79 8.53 -16.07 8.77
N ILE B 80 8.66 -16.87 7.73
CA ILE B 80 9.52 -16.50 6.61
C ILE B 80 8.97 -15.25 5.94
N ASN B 81 7.65 -15.20 5.81
CA ASN B 81 7.00 -14.05 5.20
C ASN B 81 7.22 -12.80 6.05
N ASN B 82 7.06 -12.94 7.37
CA ASN B 82 7.27 -11.80 8.27
C ASN B 82 8.70 -11.28 8.15
N LYS B 83 9.66 -12.19 8.06
CA LYS B 83 11.06 -11.82 7.93
C LYS B 83 11.25 -10.92 6.71
N ILE B 84 10.70 -11.34 5.57
CA ILE B 84 10.79 -10.57 4.33
C ILE B 84 10.21 -9.16 4.55
N ASP B 85 8.97 -9.11 5.00
CA ASP B 85 8.31 -7.83 5.25
C ASP B 85 9.10 -6.94 6.21
N ASP B 86 9.58 -7.50 7.32
CA ASP B 86 10.32 -6.68 8.28
C ASP B 86 11.60 -6.10 7.70
N GLN B 87 12.32 -6.88 6.92
CA GLN B 87 13.55 -6.40 6.34
C GLN B 87 13.33 -5.42 5.20
N ILE B 88 12.28 -5.65 4.41
CA ILE B 88 11.96 -4.73 3.33
C ILE B 88 11.73 -3.36 3.99
N GLN B 89 10.93 -3.35 5.06
CA GLN B 89 10.64 -2.12 5.78
C GLN B 89 11.89 -1.50 6.41
N ASP B 90 12.66 -2.29 7.16
CA ASP B 90 13.87 -1.79 7.81
C ASP B 90 14.91 -1.27 6.83
N ILE B 91 15.09 -1.96 5.71
CA ILE B 91 16.07 -1.51 4.73
C ILE B 91 15.64 -0.19 4.08
N TRP B 92 14.40 -0.13 3.60
CA TRP B 92 13.92 1.10 2.98
C TRP B 92 13.84 2.25 3.96
N THR B 93 13.46 1.98 5.20
CA THR B 93 13.39 3.05 6.19
C THR B 93 14.80 3.59 6.42
N TYR B 94 15.77 2.69 6.45
CA TYR B 94 17.17 3.07 6.64
C TYR B 94 17.63 3.93 5.47
N ASN B 95 17.34 3.49 4.25
CA ASN B 95 17.74 4.25 3.07
C ASN B 95 17.13 5.66 3.10
N ALA B 96 15.86 5.73 3.44
CA ALA B 96 15.15 7.00 3.48
C ALA B 96 15.80 7.92 4.51
N GLU B 97 15.91 7.45 5.74
CA GLU B 97 16.50 8.28 6.79
C GLU B 97 17.92 8.74 6.46
N LEU B 98 18.79 7.82 6.06
CA LEU B 98 20.16 8.19 5.75
C LEU B 98 20.31 9.14 4.58
N LEU B 99 19.49 8.95 3.54
CA LEU B 99 19.57 9.83 2.38
C LEU B 99 19.30 11.26 2.82
N VAL B 100 18.27 11.44 3.64
CA VAL B 100 17.91 12.75 4.14
C VAL B 100 18.95 13.37 5.07
N LEU B 101 19.46 12.59 6.03
CA LEU B 101 20.49 13.11 6.94
C LEU B 101 21.74 13.50 6.18
N LEU B 102 22.18 12.61 5.29
CA LEU B 102 23.40 12.85 4.52
C LEU B 102 23.26 13.99 3.53
N GLU B 103 22.13 14.06 2.82
CA GLU B 103 21.94 15.14 1.87
C GLU B 103 21.76 16.46 2.61
N ASN B 104 21.12 16.43 3.78
CA ASN B 104 20.92 17.68 4.53
C ASN B 104 22.28 18.30 4.85
N GLN B 105 23.26 17.46 5.17
CA GLN B 105 24.60 17.96 5.47
C GLN B 105 25.18 18.64 4.23
N LYS B 106 25.06 17.97 3.08
CA LYS B 106 25.58 18.52 1.83
C LYS B 106 24.89 19.83 1.45
N THR B 107 23.57 19.88 1.63
CA THR B 107 22.82 21.09 1.32
C THR B 107 23.32 22.25 2.16
N LEU B 108 23.45 22.03 3.46
CA LEU B 108 23.92 23.09 4.34
C LEU B 108 25.34 23.54 3.98
N ASP B 109 26.21 22.59 3.64
CA ASP B 109 27.59 22.93 3.29
C ASP B 109 27.67 23.63 1.95
N GLU B 110 26.76 23.30 1.04
CA GLU B 110 26.79 23.95 -0.25
C GLU B 110 26.41 25.43 -0.14
N HIS B 111 25.43 25.75 0.72
CA HIS B 111 25.04 27.15 0.92
C HIS B 111 26.25 27.90 1.48
N ASP B 112 26.96 27.25 2.39
CA ASP B 112 28.15 27.81 3.03
C ASP B 112 29.22 28.11 1.96
N ALA B 113 29.44 27.16 1.07
CA ALA B 113 30.42 27.32 -0.02
C ALA B 113 29.99 28.44 -0.97
N ASN B 114 28.70 28.53 -1.27
CA ASN B 114 28.24 29.57 -2.17
C ASN B 114 28.52 30.95 -1.57
N VAL B 115 28.40 31.07 -0.25
CA VAL B 115 28.69 32.33 0.41
C VAL B 115 30.19 32.56 0.31
N ASN B 116 30.96 31.52 0.62
CA ASN B 116 32.41 31.60 0.57
C ASN B 116 32.88 31.99 -0.84
N ASN B 117 32.29 31.41 -1.87
CA ASN B 117 32.69 31.73 -3.25
C ASN B 117 32.35 33.16 -3.65
N LEU B 118 31.22 33.67 -3.14
CA LEU B 118 30.81 35.03 -3.44
C LEU B 118 31.83 35.99 -2.80
N TYR B 119 32.13 35.74 -1.53
CA TYR B 119 33.08 36.56 -0.79
C TYR B 119 34.44 36.59 -1.49
N ASN B 120 34.96 35.43 -1.85
CA ASN B 120 36.26 35.39 -2.49
C ASN B 120 36.27 36.04 -3.86
N LYS B 121 35.12 36.05 -4.51
CA LYS B 121 35.00 36.65 -5.81
C LYS B 121 35.16 38.15 -5.67
N VAL B 122 34.53 38.72 -4.64
CA VAL B 122 34.62 40.14 -4.38
C VAL B 122 36.02 40.51 -3.92
N LYS B 123 36.61 39.66 -3.08
CA LYS B 123 37.96 39.91 -2.59
C LYS B 123 38.91 40.03 -3.77
N ARG B 124 38.74 39.16 -4.76
CA ARG B 124 39.59 39.18 -5.93
C ARG B 124 39.41 40.44 -6.76
N ALA B 125 38.15 40.83 -6.96
CA ALA B 125 37.85 42.01 -7.74
C ALA B 125 38.46 43.24 -7.10
N LEU B 126 38.25 43.40 -5.80
CA LEU B 126 38.77 44.56 -5.08
C LEU B 126 40.28 44.66 -5.07
N GLY B 127 40.95 43.51 -5.01
CA GLY B 127 42.40 43.52 -4.98
C GLY B 127 42.90 44.27 -3.76
N SER B 128 43.90 45.13 -3.96
CA SER B 128 44.46 45.89 -2.85
C SER B 128 43.79 47.24 -2.61
N ASN B 129 42.60 47.43 -3.17
CA ASN B 129 41.84 48.67 -3.00
C ASN B 129 41.00 48.57 -1.73
N ALA B 130 41.15 47.46 -1.00
CA ALA B 130 40.40 47.27 0.23
C ALA B 130 41.07 46.29 1.17
N MET B 131 40.66 46.32 2.42
CA MET B 131 41.19 45.41 3.43
C MET B 131 40.03 44.67 4.08
N GLU B 132 40.26 43.40 4.41
CA GLU B 132 39.25 42.56 5.04
C GLU B 132 39.15 42.91 6.52
N ASP B 133 37.93 43.11 7.02
CA ASP B 133 37.77 43.42 8.43
C ASP B 133 37.72 42.11 9.21
N GLY B 134 37.74 41.00 8.47
CA GLY B 134 37.69 39.68 9.07
C GLY B 134 36.32 39.20 9.48
N LYS B 135 35.28 39.98 9.17
CA LYS B 135 33.92 39.59 9.54
C LYS B 135 32.97 39.50 8.35
N GLY B 136 33.52 39.56 7.14
CA GLY B 136 32.70 39.48 5.95
C GLY B 136 32.63 40.79 5.19
N CYS B 137 33.27 41.84 5.71
CA CYS B 137 33.26 43.14 5.06
C CYS B 137 34.61 43.53 4.46
N PHE B 138 34.57 44.42 3.49
CA PHE B 138 35.77 44.94 2.86
C PHE B 138 35.81 46.45 3.04
N GLU B 139 36.81 46.93 3.76
CA GLU B 139 36.99 48.36 4.00
C GLU B 139 37.70 48.96 2.78
N LEU B 140 36.96 49.68 1.95
CA LEU B 140 37.52 50.28 0.76
C LEU B 140 38.46 51.43 1.11
N TYR B 141 39.56 51.53 0.37
CA TYR B 141 40.55 52.57 0.61
C TYR B 141 40.22 53.88 -0.11
N HIS B 142 39.15 53.84 -0.90
CA HIS B 142 38.72 55.03 -1.62
C HIS B 142 37.22 55.22 -1.45
N LYS B 143 36.74 56.44 -1.65
CA LYS B 143 35.32 56.70 -1.53
C LYS B 143 34.65 55.88 -2.62
N CYS B 144 33.47 55.34 -2.32
CA CYS B 144 32.75 54.50 -3.27
C CYS B 144 31.25 54.72 -3.16
N ASP B 145 30.72 55.53 -4.07
CA ASP B 145 29.30 55.84 -4.09
C ASP B 145 28.48 54.70 -4.65
N ASP B 146 27.15 54.84 -4.59
CA ASP B 146 26.24 53.80 -5.06
C ASP B 146 26.58 53.23 -6.44
N GLN B 147 27.04 54.07 -7.36
CA GLN B 147 27.40 53.57 -8.69
C GLN B 147 28.64 52.70 -8.59
N CYS B 148 29.57 53.14 -7.76
CA CYS B 148 30.80 52.39 -7.54
C CYS B 148 30.37 51.06 -6.92
N MET B 149 29.61 51.14 -5.82
CA MET B 149 29.13 49.93 -5.14
C MET B 149 28.50 48.95 -6.13
N GLU B 150 27.72 49.48 -7.07
CA GLU B 150 27.07 48.64 -8.06
C GLU B 150 28.07 47.87 -8.92
N THR B 151 29.19 48.51 -9.26
CA THR B 151 30.17 47.82 -10.09
C THR B 151 30.76 46.65 -9.33
N ILE B 152 30.87 46.79 -8.01
CA ILE B 152 31.40 45.70 -7.19
C ILE B 152 30.39 44.55 -7.22
N ARG B 153 29.11 44.86 -7.01
CA ARG B 153 28.07 43.85 -7.01
C ARG B 153 27.89 43.16 -8.35
N ASN B 154 27.88 43.92 -9.46
CA ASN B 154 27.69 43.28 -10.76
C ASN B 154 28.97 42.79 -11.42
N GLY B 155 30.07 42.79 -10.66
CA GLY B 155 31.34 42.31 -11.17
C GLY B 155 32.07 43.09 -12.26
N THR B 156 31.99 44.41 -12.25
CA THR B 156 32.67 45.21 -13.26
C THR B 156 33.57 46.25 -12.59
N TYR B 157 33.86 46.01 -11.30
CA TYR B 157 34.70 46.93 -10.56
C TYR B 157 36.07 47.10 -11.22
N ASN B 158 36.42 48.35 -11.53
CA ASN B 158 37.69 48.68 -12.16
C ASN B 158 38.79 48.92 -11.12
N ARG B 159 39.91 48.23 -11.30
CA ARG B 159 41.09 48.27 -10.42
C ARG B 159 41.19 46.90 -9.74
N ARG B 160 40.78 45.87 -10.49
CA ARG B 160 40.79 44.49 -10.02
C ARG B 160 42.14 43.82 -10.28
#